data_4NUB
#
_entry.id   4NUB
#
_cell.length_a   75.731
_cell.length_b   75.731
_cell.length_c   210.898
_cell.angle_alpha   90.00
_cell.angle_beta   90.00
_cell.angle_gamma   90.00
#
_symmetry.space_group_name_H-M   'P 43 21 2'
#
loop_
_entity.id
_entity.type
_entity.pdbx_description
1 polymer '50S ribosomal protein L16 arginine hydroxylase'
2 non-polymer 'FE (III) ION'
3 non-polymer GLYCEROL
4 water water
#
_entity_poly.entity_id   1
_entity_poly.type   'polypeptide(L)'
_entity_poly.pdbx_seq_one_letter_code
;(MSE)EYQLTLNWPDFLERHWQKRPVVLKRGFNNFIDPISPDELAGLA(MSE)ESEVDSRLVSHQDGKWQVSHGPFESYD
HLGETNWSLLVQAVNHWHEPTAAL(MSE)RPFRELPDWRIDDL(MSE)ISFSVPGGGVGPHLDQYDVFIIQGTGRRRWRV
GAALQ(MSE)KQHCPHPDLLQVDPFEAIIDEELEPGDILYIPPGFPHEGYALENA(MSE)NYSVGFRAPNTRELISGFAD
YVLQRELGGNYYSDPDVPPRAHPADVLPQE(MSE)DKLRE(MSE)(MSE)LELINQPEHFKQWFGEFISQSRHELDIAPP
EPPYQPDEIYDALKQGEVLVRLGGLRVLRIGDDVYANGEKIDSPHRPALDALASNIALTAENFGDALEDPSFLA(MSE)L
AALVNSGYWFFEGSGRVEHHHHHH
;
_entity_poly.pdbx_strand_id   A
#
loop_
_chem_comp.id
_chem_comp.type
_chem_comp.name
_chem_comp.formula
FE non-polymer 'FE (III) ION' 'Fe 3'
GOL non-polymer GLYCEROL 'C3 H8 O3'
#
# COMPACT_ATOMS: atom_id res chain seq x y z
N MSE A 1 -14.43 15.88 -5.06
CA MSE A 1 -15.14 15.58 -3.82
C MSE A 1 -14.24 14.85 -2.83
O MSE A 1 -13.21 14.30 -3.24
CB MSE A 1 -16.41 14.76 -4.11
CG MSE A 1 -17.38 14.68 -2.95
SE MSE A 1 -18.16 12.90 -2.71
CE MSE A 1 -18.69 13.06 -0.83
N GLU A 2 -14.60 14.84 -1.55
CA GLU A 2 -13.80 14.15 -0.54
C GLU A 2 -14.64 13.60 0.64
N TYR A 3 -14.03 12.73 1.44
CA TYR A 3 -14.77 11.93 2.42
C TYR A 3 -14.44 12.19 3.90
N GLN A 4 -15.45 12.17 4.77
CA GLN A 4 -15.24 12.45 6.18
C GLN A 4 -15.51 11.23 7.01
N LEU A 5 -14.53 10.83 7.79
CA LEU A 5 -14.68 9.67 8.62
C LEU A 5 -15.22 10.07 9.99
N THR A 6 -16.33 9.46 10.36
CA THR A 6 -16.95 9.68 11.65
C THR A 6 -16.48 8.59 12.57
N LEU A 7 -15.47 8.86 13.39
CA LEU A 7 -14.88 7.79 14.17
C LEU A 7 -13.91 8.36 15.18
N ASN A 8 -13.94 7.81 16.41
CA ASN A 8 -13.03 8.25 17.47
C ASN A 8 -11.68 7.56 17.45
N TRP A 9 -10.71 8.19 16.83
CA TRP A 9 -9.43 7.53 16.60
C TRP A 9 -8.67 7.01 17.82
N PRO A 10 -8.58 7.82 18.88
CA PRO A 10 -7.79 7.29 20.00
C PRO A 10 -8.40 6.03 20.57
N ASP A 11 -9.73 5.98 20.64
CA ASP A 11 -10.40 4.79 21.14
C ASP A 11 -10.23 3.60 20.21
N PHE A 12 -10.38 3.83 18.91
CA PHE A 12 -10.24 2.75 17.95
C PHE A 12 -8.84 2.15 18.04
N LEU A 13 -7.85 3.03 18.16
CA LEU A 13 -6.46 2.60 18.32
C LEU A 13 -6.24 1.84 19.64
N GLU A 14 -6.75 2.40 20.73
CA GLU A 14 -6.60 1.80 22.05
C GLU A 14 -7.19 0.38 22.10
N ARG A 15 -8.35 0.19 21.47
CA ARG A 15 -9.11 -1.03 21.74
C ARG A 15 -9.33 -2.01 20.58
N HIS A 16 -9.06 -1.55 19.35
CA HIS A 16 -9.28 -2.39 18.17
C HIS A 16 -8.07 -2.67 17.30
N TRP A 17 -7.36 -1.61 16.92
CA TRP A 17 -6.23 -1.72 15.98
C TRP A 17 -5.25 -2.82 16.35
N GLN A 18 -5.10 -3.79 15.43
CA GLN A 18 -4.15 -4.88 15.58
C GLN A 18 -4.53 -5.76 16.79
N LYS A 19 -5.76 -5.60 17.28
CA LYS A 19 -6.28 -6.33 18.45
C LYS A 19 -7.65 -6.99 18.23
N ARG A 20 -8.64 -6.24 17.76
CA ARG A 20 -10.00 -6.76 17.67
C ARG A 20 -10.87 -6.15 16.58
N PRO A 21 -11.53 -6.99 15.77
CA PRO A 21 -12.37 -6.53 14.65
C PRO A 21 -13.58 -5.75 15.14
N VAL A 22 -14.10 -4.87 14.30
CA VAL A 22 -15.28 -4.12 14.68
C VAL A 22 -16.03 -3.56 13.47
N VAL A 23 -17.35 -3.45 13.59
CA VAL A 23 -18.14 -2.83 12.54
C VAL A 23 -18.50 -1.42 12.95
N LEU A 24 -18.08 -0.47 12.12
CA LEU A 24 -18.33 0.94 12.35
C LEU A 24 -19.55 1.38 11.57
N LYS A 25 -20.64 1.60 12.30
CA LYS A 25 -21.92 1.91 11.71
C LYS A 25 -21.93 3.34 11.17
N ARG A 26 -22.31 3.46 9.90
CA ARG A 26 -22.25 4.73 9.17
C ARG A 26 -20.98 5.54 9.45
N GLY A 27 -19.84 4.87 9.31
CA GLY A 27 -18.55 5.50 9.42
C GLY A 27 -18.44 6.62 8.41
N PHE A 28 -18.94 6.36 7.21
CA PHE A 28 -19.05 7.40 6.22
C PHE A 28 -20.52 7.76 6.12
N ASN A 29 -20.86 8.99 6.47
CA ASN A 29 -22.26 9.37 6.40
C ASN A 29 -22.71 9.77 4.99
N ASN A 30 -23.88 9.27 4.58
CA ASN A 30 -24.40 9.45 3.21
C ASN A 30 -23.36 9.13 2.16
N PHE A 31 -22.94 7.87 2.17
CA PHE A 31 -21.84 7.43 1.35
C PHE A 31 -22.19 7.39 -0.12
N ILE A 32 -21.36 8.04 -0.93
CA ILE A 32 -21.52 8.01 -2.37
C ILE A 32 -20.39 7.22 -3.00
N ASP A 33 -20.72 6.20 -3.78
CA ASP A 33 -19.70 5.41 -4.46
C ASP A 33 -18.92 6.29 -5.42
N PRO A 34 -17.59 6.15 -5.44
CA PRO A 34 -16.73 6.93 -6.33
C PRO A 34 -16.54 6.26 -7.68
N ILE A 35 -17.28 5.18 -7.93
CA ILE A 35 -17.13 4.42 -9.15
C ILE A 35 -18.29 3.42 -9.34
N SER A 36 -18.82 3.38 -10.56
CA SER A 36 -19.93 2.50 -10.89
C SER A 36 -19.42 1.09 -11.10
N PRO A 37 -20.30 0.10 -10.91
CA PRO A 37 -19.94 -1.26 -11.34
C PRO A 37 -19.51 -1.28 -12.82
N ASP A 38 -20.17 -0.51 -13.67
CA ASP A 38 -19.77 -0.42 -15.08
C ASP A 38 -18.30 0.00 -15.23
N GLU A 39 -17.96 1.14 -14.63
CA GLU A 39 -16.60 1.69 -14.73
C GLU A 39 -15.58 0.66 -14.24
N LEU A 40 -15.91 -0.01 -13.14
CA LEU A 40 -15.03 -1.02 -12.56
C LEU A 40 -14.73 -2.15 -13.52
N ALA A 41 -15.77 -2.71 -14.12
CA ALA A 41 -15.60 -3.83 -15.05
C ALA A 41 -14.80 -3.41 -16.29
N GLY A 42 -15.01 -2.18 -16.76
CA GLY A 42 -14.36 -1.73 -17.97
C GLY A 42 -12.87 -1.60 -17.73
N LEU A 43 -12.56 -1.33 -16.48
CA LEU A 43 -11.21 -1.13 -16.03
C LEU A 43 -10.48 -2.48 -15.91
N ALA A 44 -11.22 -3.53 -15.58
CA ALA A 44 -10.64 -4.86 -15.43
C ALA A 44 -10.34 -5.47 -16.79
N MSE A 45 -10.92 -4.86 -17.82
CA MSE A 45 -10.72 -5.27 -19.20
C MSE A 45 -9.29 -4.96 -19.64
O MSE A 45 -8.76 -5.62 -20.55
CB MSE A 45 -11.72 -4.53 -20.08
CG MSE A 45 -12.59 -5.43 -20.95
SE MSE A 45 -14.37 -4.67 -21.30
CE MSE A 45 -13.88 -2.78 -21.52
N GLU A 46 -8.65 -4.00 -18.98
CA GLU A 46 -7.31 -3.54 -19.32
C GLU A 46 -6.19 -4.38 -18.69
N SER A 47 -5.15 -4.64 -19.48
CA SER A 47 -4.14 -5.66 -19.18
C SER A 47 -3.19 -5.30 -18.05
N GLU A 48 -2.92 -4.02 -17.90
CA GLU A 48 -2.01 -3.53 -16.86
C GLU A 48 -2.65 -3.63 -15.48
N VAL A 49 -3.93 -4.01 -15.43
CA VAL A 49 -4.73 -4.04 -14.20
C VAL A 49 -4.88 -5.45 -13.64
N ASP A 50 -4.48 -5.62 -12.39
CA ASP A 50 -4.59 -6.91 -11.75
C ASP A 50 -6.04 -7.18 -11.25
N SER A 51 -6.81 -7.95 -12.01
CA SER A 51 -8.16 -8.30 -11.57
C SER A 51 -8.30 -9.80 -11.40
N ARG A 52 -9.52 -10.24 -11.13
CA ARG A 52 -9.81 -11.63 -10.80
C ARG A 52 -11.33 -11.83 -10.71
N LEU A 53 -11.79 -13.04 -11.01
CA LEU A 53 -13.21 -13.38 -10.95
C LEU A 53 -13.38 -14.67 -10.18
N VAL A 54 -14.22 -14.64 -9.15
CA VAL A 54 -14.39 -15.80 -8.29
C VAL A 54 -15.84 -16.28 -8.34
N SER A 55 -16.01 -17.54 -8.72
CA SER A 55 -17.33 -18.15 -8.88
C SER A 55 -17.47 -19.40 -8.04
N HIS A 56 -18.66 -19.65 -7.51
CA HIS A 56 -18.94 -20.98 -6.98
C HIS A 56 -20.25 -21.59 -7.54
N GLN A 57 -20.13 -22.78 -8.11
CA GLN A 57 -21.28 -23.59 -8.52
C GLN A 57 -21.07 -25.00 -7.97
N ASP A 58 -22.15 -25.68 -7.63
CA ASP A 58 -22.13 -27.08 -7.18
C ASP A 58 -21.19 -27.38 -5.97
N GLY A 59 -20.78 -26.35 -5.24
CA GLY A 59 -19.93 -26.54 -4.08
C GLY A 59 -18.44 -26.29 -4.33
N LYS A 60 -18.06 -26.23 -5.61
CA LYS A 60 -16.66 -26.02 -5.99
C LYS A 60 -16.40 -24.60 -6.52
N TRP A 61 -15.19 -24.09 -6.27
CA TRP A 61 -14.83 -22.72 -6.67
C TRP A 61 -14.15 -22.61 -8.04
N GLN A 62 -13.98 -21.38 -8.54
CA GLN A 62 -13.46 -21.15 -9.88
C GLN A 62 -12.88 -19.73 -10.01
N VAL A 63 -11.58 -19.59 -9.77
CA VAL A 63 -10.87 -18.33 -10.01
C VAL A 63 -10.45 -18.18 -11.47
N SER A 64 -10.65 -17.00 -12.04
CA SER A 64 -10.15 -16.69 -13.38
C SER A 64 -9.42 -15.35 -13.30
N HIS A 65 -8.23 -15.27 -13.87
CA HIS A 65 -7.46 -14.03 -13.77
C HIS A 65 -7.64 -13.08 -14.95
N GLY A 66 -7.48 -11.79 -14.69
CA GLY A 66 -7.70 -10.79 -15.70
C GLY A 66 -6.56 -10.69 -16.69
N PRO A 67 -6.74 -9.86 -17.73
CA PRO A 67 -7.98 -9.11 -17.99
C PRO A 67 -9.11 -9.98 -18.55
N PHE A 68 -10.18 -9.36 -19.04
CA PHE A 68 -11.34 -10.12 -19.49
C PHE A 68 -11.91 -9.58 -20.78
N GLU A 69 -11.90 -10.41 -21.83
CA GLU A 69 -12.51 -10.04 -23.10
C GLU A 69 -14.03 -9.95 -22.93
N SER A 70 -14.70 -11.09 -22.77
CA SER A 70 -16.15 -11.09 -22.64
C SER A 70 -16.62 -11.09 -21.18
N TYR A 71 -17.80 -10.52 -20.93
CA TYR A 71 -18.37 -10.53 -19.59
C TYR A 71 -19.65 -11.32 -19.51
N ASP A 72 -19.74 -12.36 -20.34
CA ASP A 72 -20.81 -13.32 -20.16
C ASP A 72 -20.30 -14.74 -20.05
N HIS A 73 -21.23 -15.68 -20.17
CA HIS A 73 -21.09 -17.02 -19.62
C HIS A 73 -21.10 -16.91 -18.09
N LEU A 74 -21.54 -15.74 -17.61
CA LEU A 74 -21.56 -15.42 -16.18
C LEU A 74 -22.98 -15.48 -15.65
N GLY A 75 -23.16 -16.07 -14.47
CA GLY A 75 -24.48 -16.24 -13.89
C GLY A 75 -25.15 -14.93 -13.48
N GLU A 76 -26.19 -15.03 -12.66
CA GLU A 76 -26.85 -13.85 -12.10
C GLU A 76 -26.57 -13.80 -10.62
N THR A 77 -25.96 -14.88 -10.14
CA THR A 77 -25.68 -15.05 -8.73
C THR A 77 -24.36 -15.79 -8.60
N ASN A 78 -23.79 -15.73 -7.40
CA ASN A 78 -22.62 -16.51 -7.04
C ASN A 78 -21.35 -16.24 -7.84
N TRP A 79 -21.02 -14.97 -8.05
CA TRP A 79 -19.70 -14.60 -8.57
C TRP A 79 -19.32 -13.22 -8.08
N SER A 80 -18.02 -12.95 -8.11
CA SER A 80 -17.52 -11.68 -7.61
C SER A 80 -16.36 -11.26 -8.50
N LEU A 81 -16.36 -9.98 -8.87
CA LEU A 81 -15.22 -9.38 -9.54
C LEU A 81 -14.35 -8.61 -8.53
N LEU A 82 -13.06 -8.93 -8.46
CA LEU A 82 -12.18 -8.27 -7.51
C LEU A 82 -11.00 -7.60 -8.21
N VAL A 83 -10.89 -6.30 -7.99
CA VAL A 83 -9.88 -5.54 -8.70
C VAL A 83 -8.90 -4.90 -7.76
N GLN A 84 -7.63 -5.12 -8.05
CA GLN A 84 -6.56 -4.71 -7.18
C GLN A 84 -6.14 -3.28 -7.45
N ALA A 85 -5.84 -2.53 -6.39
CA ALA A 85 -5.22 -1.21 -6.53
C ALA A 85 -5.92 -0.26 -7.52
N VAL A 86 -7.23 -0.08 -7.37
CA VAL A 86 -7.96 0.86 -8.22
C VAL A 86 -7.55 2.33 -7.98
N ASN A 87 -6.94 2.62 -6.83
CA ASN A 87 -6.47 3.98 -6.54
C ASN A 87 -5.32 4.39 -7.47
N HIS A 88 -4.68 3.38 -8.04
CA HIS A 88 -3.65 3.57 -9.06
C HIS A 88 -4.24 4.03 -10.41
N TRP A 89 -5.55 3.89 -10.60
CA TRP A 89 -6.12 4.05 -11.95
C TRP A 89 -7.31 4.98 -12.03
N HIS A 90 -7.94 5.24 -10.91
CA HIS A 90 -9.17 6.02 -10.93
C HIS A 90 -9.07 7.09 -9.86
N GLU A 91 -8.82 8.33 -10.29
CA GLU A 91 -8.61 9.44 -9.38
C GLU A 91 -9.68 9.55 -8.28
N PRO A 92 -10.97 9.37 -8.63
CA PRO A 92 -11.94 9.50 -7.54
C PRO A 92 -11.78 8.47 -6.43
N THR A 93 -11.46 7.22 -6.75
CA THR A 93 -11.41 6.22 -5.68
C THR A 93 -10.25 6.49 -4.73
N ALA A 94 -9.19 7.14 -5.22
CA ALA A 94 -8.01 7.40 -4.41
C ALA A 94 -8.30 8.31 -3.21
N ALA A 95 -9.44 8.99 -3.25
CA ALA A 95 -9.81 9.92 -2.20
C ALA A 95 -10.33 9.18 -0.97
N LEU A 96 -10.82 7.96 -1.17
CA LEU A 96 -11.24 7.10 -0.05
C LEU A 96 -10.08 6.80 0.90
N MSE A 97 -8.85 6.94 0.41
CA MSE A 97 -7.66 6.69 1.20
C MSE A 97 -7.42 7.79 2.22
O MSE A 97 -7.13 7.51 3.39
CB MSE A 97 -6.44 6.62 0.29
CG MSE A 97 -6.57 5.69 -0.90
SE MSE A 97 -5.80 3.94 -0.57
CE MSE A 97 -7.23 3.23 0.47
N ARG A 98 -7.56 9.04 1.78
CA ARG A 98 -7.17 10.20 2.61
C ARG A 98 -7.62 10.22 4.09
N PRO A 99 -8.84 9.79 4.42
CA PRO A 99 -9.19 9.87 5.85
C PRO A 99 -8.52 8.85 6.77
N PHE A 100 -7.69 7.95 6.23
CA PHE A 100 -7.00 6.94 7.05
C PHE A 100 -5.57 7.32 7.40
N ARG A 101 -5.15 8.51 7.00
CA ARG A 101 -3.82 9.02 7.35
C ARG A 101 -3.70 9.37 8.84
N GLU A 102 -4.66 8.93 9.65
CA GLU A 102 -4.49 8.91 11.09
C GLU A 102 -3.64 7.71 11.42
N LEU A 103 -3.54 6.79 10.46
CA LEU A 103 -2.59 5.70 10.53
C LEU A 103 -1.45 6.06 9.58
N PRO A 104 -0.22 5.63 9.91
CA PRO A 104 0.97 6.08 9.16
C PRO A 104 1.02 5.62 7.71
N ASP A 105 1.43 6.53 6.82
CA ASP A 105 1.51 6.30 5.38
C ASP A 105 2.29 5.04 5.00
N TRP A 106 3.32 4.71 5.77
CA TRP A 106 4.20 3.64 5.38
C TRP A 106 3.55 2.29 5.55
N ARG A 107 2.49 2.27 6.35
CA ARG A 107 1.79 1.04 6.69
C ARG A 107 0.56 0.82 5.80
N ILE A 108 0.11 1.88 5.14
CA ILE A 108 -1.00 1.80 4.18
C ILE A 108 -0.57 1.11 2.87
N ASP A 109 -1.41 0.23 2.34
CA ASP A 109 -1.13 -0.42 1.05
C ASP A 109 -1.88 0.33 -0.06
N ASP A 110 -2.80 -0.36 -0.74
CA ASP A 110 -3.64 0.30 -1.74
C ASP A 110 -5.12 -0.01 -1.50
N LEU A 111 -5.94 0.16 -2.54
CA LEU A 111 -7.39 -0.02 -2.41
C LEU A 111 -7.97 -1.05 -3.39
N MSE A 112 -8.45 -2.17 -2.85
CA MSE A 112 -9.07 -3.19 -3.68
C MSE A 112 -10.58 -3.00 -3.70
O MSE A 112 -11.19 -2.77 -2.65
CB MSE A 112 -8.71 -4.59 -3.14
CG MSE A 112 -9.25 -5.77 -3.96
SE MSE A 112 -11.04 -6.33 -3.42
CE MSE A 112 -10.59 -7.09 -1.68
N ILE A 113 -11.18 -3.09 -4.87
CA ILE A 113 -12.62 -2.95 -5.00
C ILE A 113 -13.25 -4.20 -5.56
N SER A 114 -14.29 -4.69 -4.90
CA SER A 114 -14.96 -5.91 -5.33
C SER A 114 -16.38 -5.59 -5.70
N PHE A 115 -16.86 -6.27 -6.73
CA PHE A 115 -18.25 -6.19 -7.10
C PHE A 115 -18.87 -7.58 -7.12
N SER A 116 -19.97 -7.73 -6.41
CA SER A 116 -20.60 -9.04 -6.33
C SER A 116 -22.11 -9.04 -6.50
N VAL A 117 -22.59 -10.07 -7.16
CA VAL A 117 -24.00 -10.37 -7.34
C VAL A 117 -24.35 -11.28 -6.19
N PRO A 118 -25.66 -11.43 -5.89
CA PRO A 118 -26.03 -12.15 -4.67
C PRO A 118 -25.45 -13.56 -4.59
N GLY A 119 -24.85 -13.86 -3.44
CA GLY A 119 -24.14 -15.12 -3.22
C GLY A 119 -22.65 -15.03 -3.52
N GLY A 120 -22.21 -13.99 -4.23
CA GLY A 120 -20.81 -13.85 -4.61
C GLY A 120 -19.90 -13.40 -3.50
N GLY A 121 -18.68 -13.91 -3.49
CA GLY A 121 -17.73 -13.64 -2.42
C GLY A 121 -16.62 -14.66 -2.54
N VAL A 122 -15.70 -14.70 -1.59
CA VAL A 122 -14.55 -15.59 -1.79
C VAL A 122 -14.49 -16.79 -0.83
N GLY A 123 -15.40 -16.82 0.14
CA GLY A 123 -15.46 -17.93 1.07
C GLY A 123 -14.50 -17.69 2.21
N PRO A 124 -14.45 -18.62 3.17
CA PRO A 124 -13.69 -18.38 4.41
C PRO A 124 -12.18 -18.34 4.16
N HIS A 125 -11.55 -17.24 4.56
CA HIS A 125 -10.10 -17.08 4.42
C HIS A 125 -9.50 -16.29 5.59
N LEU A 126 -8.17 -16.19 5.63
CA LEU A 126 -7.58 -15.12 6.42
C LEU A 126 -6.46 -14.35 5.72
N ASP A 127 -6.19 -13.14 6.18
CA ASP A 127 -5.23 -12.23 5.56
C ASP A 127 -4.08 -12.02 6.54
N GLN A 128 -2.91 -11.67 6.02
CA GLN A 128 -1.75 -11.40 6.88
C GLN A 128 -1.76 -9.93 7.27
N TYR A 129 -2.73 -9.20 6.77
CA TYR A 129 -2.75 -7.75 6.93
C TYR A 129 -4.07 -7.18 7.44
N ASP A 130 -3.94 -6.03 8.11
CA ASP A 130 -5.06 -5.19 8.47
C ASP A 130 -5.89 -4.78 7.26
N VAL A 131 -7.20 -4.68 7.45
CA VAL A 131 -8.07 -4.16 6.42
C VAL A 131 -9.26 -3.39 7.04
N PHE A 132 -9.72 -2.38 6.31
CA PHE A 132 -11.06 -1.78 6.50
C PHE A 132 -11.88 -2.06 5.26
N ILE A 133 -13.02 -2.73 5.43
CA ILE A 133 -13.91 -2.97 4.30
C ILE A 133 -15.09 -2.00 4.35
N ILE A 134 -15.12 -1.08 3.40
CA ILE A 134 -16.18 -0.09 3.29
C ILE A 134 -17.31 -0.61 2.40
N GLN A 135 -18.54 -0.56 2.90
CA GLN A 135 -19.71 -0.99 2.15
C GLN A 135 -20.27 0.14 1.31
N GLY A 136 -20.30 -0.05 -0.01
CA GLY A 136 -20.92 0.90 -0.92
C GLY A 136 -22.37 0.55 -1.16
N THR A 137 -22.88 0.80 -2.36
CA THR A 137 -24.24 0.44 -2.71
C THR A 137 -24.47 -1.03 -2.46
N GLY A 138 -25.71 -1.39 -2.14
CA GLY A 138 -26.04 -2.79 -1.94
C GLY A 138 -25.91 -3.19 -0.49
N ARG A 139 -25.76 -4.49 -0.25
CA ARG A 139 -25.70 -5.04 1.11
C ARG A 139 -24.92 -6.35 1.09
N ARG A 140 -24.09 -6.55 2.10
CA ARG A 140 -23.32 -7.80 2.19
C ARG A 140 -23.32 -8.32 3.61
N ARG A 141 -23.34 -9.63 3.73
CA ARG A 141 -23.29 -10.24 5.05
C ARG A 141 -21.86 -10.67 5.26
N TRP A 142 -21.24 -10.15 6.32
CA TRP A 142 -19.87 -10.52 6.67
C TRP A 142 -19.83 -11.28 7.99
N ARG A 143 -19.04 -12.34 8.05
CA ARG A 143 -18.78 -13.09 9.28
C ARG A 143 -17.29 -13.04 9.65
N VAL A 144 -16.97 -12.86 10.93
CA VAL A 144 -15.59 -12.87 11.39
C VAL A 144 -15.46 -13.75 12.63
N GLY A 145 -14.46 -14.63 12.66
CA GLY A 145 -14.24 -15.49 13.80
C GLY A 145 -13.05 -15.03 14.60
N ALA A 146 -12.84 -15.64 15.76
CA ALA A 146 -11.67 -15.32 16.57
C ALA A 146 -10.42 -15.83 15.86
N ALA A 147 -9.25 -15.36 16.30
CA ALA A 147 -8.01 -15.67 15.58
C ALA A 147 -7.40 -17.01 15.99
N LEU A 148 -6.62 -17.59 15.07
CA LEU A 148 -6.13 -18.97 15.21
C LEU A 148 -4.64 -19.02 15.60
N LEU A 160 -6.20 -17.82 0.34
CA LEU A 160 -5.66 -18.22 1.65
C LEU A 160 -6.70 -18.94 2.51
N GLN A 161 -7.26 -20.03 1.95
CA GLN A 161 -8.45 -20.75 2.46
C GLN A 161 -8.36 -21.42 3.88
N VAL A 162 -9.46 -21.38 4.65
CA VAL A 162 -9.56 -22.06 5.96
C VAL A 162 -10.87 -22.84 6.15
N ASP A 163 -10.93 -23.64 7.21
CA ASP A 163 -12.15 -24.39 7.54
C ASP A 163 -13.19 -23.46 8.12
N PRO A 164 -14.48 -23.86 8.06
CA PRO A 164 -15.55 -23.08 8.69
C PRO A 164 -15.31 -22.79 10.18
N PHE A 165 -15.91 -21.71 10.66
CA PHE A 165 -15.62 -21.18 11.98
C PHE A 165 -16.88 -20.63 12.65
N GLU A 166 -16.94 -20.66 13.98
CA GLU A 166 -18.02 -19.99 14.69
C GLU A 166 -17.74 -18.48 14.62
N ALA A 167 -18.77 -17.67 14.41
CA ALA A 167 -18.57 -16.23 14.23
C ALA A 167 -18.64 -15.42 15.53
N ILE A 168 -17.71 -14.48 15.73
CA ILE A 168 -17.81 -13.53 16.84
C ILE A 168 -18.50 -12.23 16.41
N ILE A 169 -18.50 -11.97 15.11
CA ILE A 169 -19.27 -10.87 14.54
C ILE A 169 -19.97 -11.45 13.32
N ASP A 170 -21.27 -11.19 13.20
CA ASP A 170 -22.01 -11.63 12.04
C ASP A 170 -23.01 -10.53 11.78
N GLU A 171 -22.75 -9.74 10.73
CA GLU A 171 -23.53 -8.55 10.47
C GLU A 171 -23.80 -8.35 8.99
N GLU A 172 -24.82 -7.56 8.70
CA GLU A 172 -25.14 -7.21 7.33
C GLU A 172 -24.82 -5.73 7.16
N LEU A 173 -23.74 -5.44 6.44
CA LEU A 173 -23.35 -4.05 6.20
C LEU A 173 -24.27 -3.27 5.26
N GLU A 174 -24.52 -2.02 5.62
CA GLU A 174 -25.28 -1.09 4.81
C GLU A 174 -24.38 0.05 4.37
N PRO A 175 -24.73 0.75 3.28
CA PRO A 175 -23.80 1.71 2.66
C PRO A 175 -23.23 2.68 3.66
N GLY A 176 -21.90 2.78 3.69
CA GLY A 176 -21.23 3.70 4.60
C GLY A 176 -20.74 3.00 5.86
N ASP A 177 -21.21 1.79 6.10
CA ASP A 177 -20.67 0.98 7.19
C ASP A 177 -19.25 0.55 6.84
N ILE A 178 -18.42 0.33 7.86
CA ILE A 178 -17.05 -0.12 7.63
C ILE A 178 -16.73 -1.29 8.53
N LEU A 179 -16.28 -2.40 7.95
CA LEU A 179 -15.83 -3.52 8.77
C LEU A 179 -14.32 -3.53 8.89
N TYR A 180 -13.81 -3.35 10.11
CA TYR A 180 -12.36 -3.42 10.33
C TYR A 180 -11.96 -4.81 10.83
N ILE A 181 -10.94 -5.40 10.22
CA ILE A 181 -10.42 -6.72 10.62
C ILE A 181 -8.89 -6.71 10.77
N PRO A 182 -8.39 -7.05 11.97
CA PRO A 182 -6.95 -7.18 12.20
C PRO A 182 -6.44 -8.40 11.46
N PRO A 183 -5.11 -8.52 11.33
CA PRO A 183 -4.57 -9.71 10.69
C PRO A 183 -4.78 -10.92 11.59
N GLY A 184 -5.06 -12.08 11.00
CA GLY A 184 -5.20 -13.31 11.75
C GLY A 184 -6.63 -13.82 11.93
N PHE A 185 -7.61 -12.92 11.82
CA PHE A 185 -9.00 -13.28 12.04
C PHE A 185 -9.65 -13.77 10.77
N PRO A 186 -10.18 -14.99 10.80
CA PRO A 186 -10.83 -15.55 9.63
C PRO A 186 -12.12 -14.81 9.33
N HIS A 187 -12.38 -14.54 8.06
CA HIS A 187 -13.60 -13.86 7.69
C HIS A 187 -14.22 -14.46 6.44
N GLU A 188 -15.49 -14.15 6.22
CA GLU A 188 -16.19 -14.62 5.02
C GLU A 188 -17.30 -13.64 4.75
N GLY A 189 -17.51 -13.32 3.47
CA GLY A 189 -18.55 -12.39 3.12
C GLY A 189 -19.14 -12.67 1.76
N TYR A 190 -20.45 -12.47 1.65
CA TYR A 190 -21.14 -12.58 0.38
C TYR A 190 -22.26 -11.52 0.20
N ALA A 191 -22.66 -11.28 -1.04
CA ALA A 191 -23.62 -10.22 -1.34
C ALA A 191 -25.06 -10.65 -1.06
N LEU A 192 -25.91 -9.71 -0.65
CA LEU A 192 -27.34 -10.00 -0.55
C LEU A 192 -28.08 -9.29 -1.68
N GLU A 193 -27.63 -8.09 -2.02
CA GLU A 193 -28.03 -7.43 -3.24
C GLU A 193 -26.72 -7.11 -3.94
N ASN A 194 -26.78 -6.55 -5.14
CA ASN A 194 -25.57 -6.20 -5.88
C ASN A 194 -24.69 -5.20 -5.14
N ALA A 195 -23.50 -5.64 -4.75
CA ALA A 195 -22.72 -4.90 -3.79
C ALA A 195 -21.33 -4.49 -4.26
N MSE A 196 -20.98 -3.25 -3.91
CA MSE A 196 -19.64 -2.71 -4.07
C MSE A 196 -18.96 -2.69 -2.71
O MSE A 196 -19.52 -2.15 -1.74
CB MSE A 196 -19.71 -1.29 -4.63
CG MSE A 196 -20.22 -1.23 -6.09
SE MSE A 196 -18.87 -1.84 -7.33
CE MSE A 196 -17.77 -0.23 -7.42
N ASN A 197 -17.77 -3.28 -2.62
CA ASN A 197 -16.97 -3.18 -1.41
C ASN A 197 -15.62 -2.58 -1.74
N TYR A 198 -15.13 -1.72 -0.86
CA TYR A 198 -13.85 -1.06 -1.04
C TYR A 198 -12.97 -1.43 0.12
N SER A 199 -11.93 -2.22 -0.14
CA SER A 199 -11.02 -2.65 0.93
C SER A 199 -9.80 -1.76 0.97
N VAL A 200 -9.65 -1.04 2.08
CA VAL A 200 -8.47 -0.24 2.32
C VAL A 200 -7.48 -1.12 3.04
N GLY A 201 -6.42 -1.46 2.33
CA GLY A 201 -5.53 -2.48 2.79
C GLY A 201 -4.26 -1.95 3.37
N PHE A 202 -3.65 -2.76 4.23
CA PHE A 202 -2.43 -2.36 4.90
C PHE A 202 -1.32 -3.35 4.60
N ARG A 203 -0.09 -2.97 4.91
CA ARG A 203 1.05 -3.83 4.64
C ARG A 203 2.08 -3.73 5.74
N ALA A 204 2.74 -4.85 6.00
CA ALA A 204 3.90 -4.89 6.86
C ALA A 204 4.89 -5.92 6.34
N PRO A 205 6.17 -5.63 6.52
CA PRO A 205 7.16 -6.62 6.09
C PRO A 205 7.36 -7.68 7.16
N ASN A 206 7.73 -8.88 6.73
CA ASN A 206 8.28 -9.90 7.64
C ASN A 206 9.81 -9.88 7.69
N THR A 207 10.40 -10.64 8.61
CA THR A 207 11.85 -10.57 8.81
C THR A 207 12.58 -11.06 7.57
N ARG A 208 12.09 -12.16 6.99
CA ARG A 208 12.59 -12.65 5.71
C ARG A 208 12.73 -11.56 4.63
N GLU A 209 11.65 -10.83 4.33
CA GLU A 209 11.72 -9.75 3.34
C GLU A 209 12.78 -8.71 3.72
N LEU A 210 12.87 -8.38 5.00
CA LEU A 210 13.89 -7.47 5.47
C LEU A 210 15.30 -8.03 5.20
N ILE A 211 15.63 -9.16 5.80
CA ILE A 211 16.97 -9.72 5.67
C ILE A 211 17.40 -9.91 4.22
N SER A 212 16.51 -10.39 3.36
CA SER A 212 16.95 -10.67 1.99
C SER A 212 17.09 -9.38 1.15
N GLY A 213 16.20 -8.42 1.37
CA GLY A 213 16.27 -7.16 0.68
C GLY A 213 17.47 -6.32 1.10
N PHE A 214 17.76 -6.30 2.40
CA PHE A 214 18.94 -5.60 2.88
C PHE A 214 20.23 -6.22 2.34
N ALA A 215 20.28 -7.54 2.27
CA ALA A 215 21.42 -8.24 1.67
C ALA A 215 21.67 -7.79 0.23
N ASP A 216 20.61 -7.69 -0.56
CA ASP A 216 20.77 -7.28 -1.96
C ASP A 216 21.35 -5.87 -2.07
N TYR A 217 20.98 -5.01 -1.13
CA TYR A 217 21.53 -3.67 -1.07
C TYR A 217 23.02 -3.72 -0.74
N VAL A 218 23.36 -4.47 0.29
CA VAL A 218 24.75 -4.67 0.69
C VAL A 218 25.56 -5.19 -0.49
N LEU A 219 25.03 -6.23 -1.13
CA LEU A 219 25.69 -6.82 -2.26
C LEU A 219 25.79 -5.89 -3.48
N GLN A 220 24.68 -5.29 -3.89
CA GLN A 220 24.69 -4.39 -5.05
C GLN A 220 25.63 -3.18 -4.82
N ARG A 221 25.65 -2.66 -3.60
CA ARG A 221 26.43 -1.47 -3.28
C ARG A 221 27.83 -1.71 -2.71
N GLU A 222 28.29 -2.97 -2.77
CA GLU A 222 29.67 -3.32 -2.38
C GLU A 222 30.03 -2.97 -0.94
N LEU A 223 29.12 -3.24 0.00
CA LEU A 223 29.42 -2.98 1.40
C LEU A 223 29.78 -4.27 2.15
N GLY A 224 30.02 -4.13 3.46
CA GLY A 224 30.30 -5.25 4.34
C GLY A 224 31.49 -6.08 3.90
N GLY A 225 32.48 -5.39 3.36
CA GLY A 225 33.65 -6.03 2.78
C GLY A 225 34.81 -6.17 3.73
N ASN A 226 34.58 -6.06 5.03
CA ASN A 226 35.65 -6.38 5.97
C ASN A 226 35.73 -7.87 6.30
N TYR A 227 36.94 -8.36 6.47
CA TYR A 227 37.14 -9.77 6.64
C TYR A 227 37.31 -10.15 8.10
N TYR A 228 36.92 -11.37 8.41
CA TYR A 228 37.10 -11.94 9.72
C TYR A 228 38.60 -11.97 9.95
N SER A 229 39.04 -11.53 11.13
CA SER A 229 40.47 -11.57 11.46
C SER A 229 40.68 -12.18 12.84
N ASP A 230 41.67 -13.05 12.98
CA ASP A 230 41.87 -13.77 14.22
C ASP A 230 43.31 -13.77 14.69
N PRO A 231 43.84 -12.58 15.00
CA PRO A 231 45.24 -12.40 15.34
C PRO A 231 45.53 -13.12 16.63
N ASP A 232 44.49 -13.36 17.41
CA ASP A 232 44.62 -14.11 18.65
C ASP A 232 43.83 -15.39 18.53
N VAL A 233 44.07 -16.11 17.43
CA VAL A 233 43.34 -17.33 17.14
C VAL A 233 43.49 -18.33 18.27
N PRO A 234 42.35 -18.79 18.80
CA PRO A 234 42.21 -19.69 19.96
C PRO A 234 42.65 -21.11 19.69
N PRO A 235 43.17 -21.78 20.73
CA PRO A 235 43.56 -23.18 20.66
C PRO A 235 42.34 -24.08 20.75
N ARG A 236 42.46 -25.29 20.26
CA ARG A 236 41.36 -26.23 20.33
C ARG A 236 41.99 -27.62 20.37
N ALA A 237 41.22 -28.61 20.79
CA ALA A 237 41.72 -29.97 20.84
C ALA A 237 41.63 -30.63 19.47
N HIS A 238 40.47 -30.47 18.82
CA HIS A 238 40.24 -31.06 17.49
C HIS A 238 40.24 -29.99 16.42
N PRO A 239 41.23 -30.03 15.51
CA PRO A 239 41.42 -28.96 14.54
C PRO A 239 40.20 -28.71 13.67
N ALA A 240 39.30 -29.69 13.62
CA ALA A 240 38.11 -29.61 12.78
C ALA A 240 36.95 -28.86 13.44
N ASP A 241 37.11 -28.47 14.70
CA ASP A 241 36.06 -27.75 15.41
C ASP A 241 35.99 -26.27 15.02
N VAL A 242 34.78 -25.72 15.04
CA VAL A 242 34.59 -24.28 15.09
C VAL A 242 34.05 -23.91 16.48
N LEU A 243 34.78 -23.05 17.18
CA LEU A 243 34.48 -22.71 18.57
C LEU A 243 33.42 -21.64 18.67
N PRO A 244 32.72 -21.59 19.81
CA PRO A 244 31.63 -20.65 20.03
C PRO A 244 32.06 -19.19 19.87
N GLN A 245 33.24 -18.84 20.37
CA GLN A 245 33.70 -17.46 20.29
C GLN A 245 33.89 -17.04 18.85
N GLU A 246 34.39 -17.96 18.05
CA GLU A 246 34.50 -17.74 16.61
C GLU A 246 33.11 -17.43 16.04
N MSE A 247 32.13 -18.28 16.34
CA MSE A 247 30.74 -18.03 15.93
C MSE A 247 30.23 -16.66 16.38
O MSE A 247 29.48 -16.01 15.66
CB MSE A 247 29.81 -19.12 16.45
CG MSE A 247 30.12 -20.52 15.91
SE MSE A 247 29.75 -20.68 13.99
CE MSE A 247 27.86 -20.12 13.98
N ASP A 248 30.63 -16.22 17.57
CA ASP A 248 30.17 -14.95 18.11
C ASP A 248 30.71 -13.84 17.22
N LYS A 249 32.01 -13.90 16.99
CA LYS A 249 32.71 -12.93 16.15
C LYS A 249 32.02 -12.77 14.78
N LEU A 250 31.68 -13.88 14.15
CA LEU A 250 30.94 -13.82 12.87
C LEU A 250 29.59 -13.16 13.02
N ARG A 251 28.85 -13.52 14.07
CA ARG A 251 27.57 -12.88 14.32
C ARG A 251 27.72 -11.37 14.49
N GLU A 252 28.74 -10.94 15.22
CA GLU A 252 28.91 -9.52 15.57
C GLU A 252 29.23 -8.70 14.37
N MSE A 253 29.87 -9.33 13.38
CA MSE A 253 30.13 -8.65 12.12
C MSE A 253 28.80 -8.29 11.50
O MSE A 253 28.61 -7.17 11.02
CB MSE A 253 30.95 -9.53 11.19
CG MSE A 253 32.37 -9.72 11.65
SE MSE A 253 33.38 -11.07 10.65
CE MSE A 253 33.27 -10.32 8.86
N MSE A 254 27.86 -9.22 11.53
CA MSE A 254 26.54 -8.99 10.97
C MSE A 254 25.74 -7.94 11.74
O MSE A 254 25.14 -7.04 11.14
CB MSE A 254 25.77 -10.29 10.87
CG MSE A 254 26.58 -11.43 10.28
SE MSE A 254 25.56 -13.04 9.88
CE MSE A 254 24.32 -12.23 8.62
N LEU A 255 25.73 -8.05 13.06
CA LEU A 255 25.06 -7.03 13.89
C LEU A 255 25.64 -5.64 13.63
N GLU A 256 26.97 -5.56 13.57
CA GLU A 256 27.67 -4.30 13.40
C GLU A 256 27.20 -3.59 12.12
N LEU A 257 27.01 -4.36 11.05
CA LEU A 257 26.64 -3.80 9.74
C LEU A 257 25.18 -3.33 9.67
N ILE A 258 24.29 -4.15 10.21
CA ILE A 258 22.91 -3.77 10.37
C ILE A 258 22.77 -2.49 11.20
N ASN A 259 23.61 -2.33 12.22
CA ASN A 259 23.52 -1.17 13.11
C ASN A 259 24.26 0.09 12.64
N GLN A 260 25.02 0.00 11.55
CA GLN A 260 25.67 1.19 11.02
C GLN A 260 24.61 2.19 10.60
N PRO A 261 24.68 3.41 11.16
CA PRO A 261 23.62 4.42 11.21
C PRO A 261 22.96 4.74 9.87
N GLU A 262 23.74 4.73 8.80
CA GLU A 262 23.26 5.23 7.52
C GLU A 262 22.71 4.16 6.57
N HIS A 263 23.41 3.03 6.47
CA HIS A 263 23.11 2.05 5.43
C HIS A 263 21.73 1.43 5.48
N PHE A 264 21.31 0.99 6.67
CA PHE A 264 20.02 0.32 6.81
C PHE A 264 18.86 1.29 6.60
N LYS A 265 18.93 2.43 7.29
CA LYS A 265 18.01 3.56 7.06
C LYS A 265 17.83 3.86 5.58
N GLN A 266 18.95 3.98 4.88
CA GLN A 266 18.93 4.29 3.47
C GLN A 266 18.32 3.16 2.63
N TRP A 267 18.63 1.91 2.94
CA TRP A 267 18.00 0.80 2.21
C TRP A 267 16.48 0.72 2.44
N PHE A 268 16.07 0.81 3.70
CA PHE A 268 14.66 0.73 4.00
C PHE A 268 13.88 1.75 3.22
N GLY A 269 14.34 3.01 3.27
CA GLY A 269 13.74 4.08 2.50
C GLY A 269 13.49 3.66 1.07
N GLU A 270 14.52 3.13 0.42
CA GLU A 270 14.37 2.69 -0.97
C GLU A 270 13.41 1.48 -1.08
N PHE A 271 13.31 0.67 -0.03
CA PHE A 271 12.40 -0.47 -0.03
C PHE A 271 10.91 -0.11 0.16
N ILE A 272 10.50 0.37 1.34
CA ILE A 272 9.07 0.67 1.57
C ILE A 272 8.51 1.80 0.73
N SER A 273 9.34 2.63 0.11
CA SER A 273 8.80 3.69 -0.73
C SER A 273 8.28 3.16 -2.08
N GLN A 274 8.45 1.85 -2.29
CA GLN A 274 7.96 1.20 -3.51
C GLN A 274 6.55 0.67 -3.37
N SER A 275 5.82 0.61 -4.48
CA SER A 275 4.44 0.13 -4.40
C SER A 275 4.38 -1.38 -4.58
N ARG A 276 3.34 -2.00 -4.06
CA ARG A 276 3.20 -3.44 -4.24
C ARG A 276 2.40 -3.77 -5.51
N HIS A 277 1.87 -2.74 -6.16
CA HIS A 277 1.22 -2.96 -7.46
C HIS A 277 1.73 -1.98 -8.52
N GLU A 278 1.68 -2.41 -9.77
CA GLU A 278 2.11 -1.60 -10.90
C GLU A 278 1.48 -0.21 -10.90
N LEU A 279 2.30 0.82 -11.10
CA LEU A 279 1.82 2.21 -11.16
C LEU A 279 1.55 2.60 -12.60
N ASP A 280 0.80 3.67 -12.79
CA ASP A 280 0.49 4.15 -14.13
C ASP A 280 1.51 5.19 -14.56
N ILE A 281 2.73 4.73 -14.75
CA ILE A 281 3.85 5.60 -15.06
C ILE A 281 3.90 6.02 -16.53
N ALA A 282 3.62 7.30 -16.78
CA ALA A 282 3.63 7.79 -18.15
C ALA A 282 4.49 9.03 -18.34
N PRO A 283 5.80 8.83 -18.60
CA PRO A 283 6.76 9.92 -18.75
C PRO A 283 6.32 10.90 -19.82
N PRO A 284 6.30 12.19 -19.49
CA PRO A 284 5.81 13.18 -20.45
C PRO A 284 6.81 13.37 -21.57
N GLU A 285 6.31 13.60 -22.79
CA GLU A 285 7.14 13.96 -23.93
C GLU A 285 6.62 15.25 -24.57
N PRO A 286 7.52 16.20 -24.87
CA PRO A 286 8.94 16.15 -24.51
C PRO A 286 9.08 16.43 -23.02
N PRO A 287 10.21 16.04 -22.43
CA PRO A 287 10.55 16.33 -21.03
C PRO A 287 10.35 17.79 -20.70
N TYR A 288 10.08 18.07 -19.43
CA TYR A 288 9.97 19.44 -18.98
C TYR A 288 11.36 20.01 -18.77
N GLN A 289 11.50 21.30 -19.04
CA GLN A 289 12.65 22.06 -18.59
C GLN A 289 12.34 22.64 -17.21
N PRO A 290 13.36 22.77 -16.35
CA PRO A 290 13.15 23.37 -15.02
C PRO A 290 12.45 24.74 -15.07
N ASP A 291 12.59 25.46 -16.20
CA ASP A 291 11.86 26.70 -16.39
C ASP A 291 10.38 26.49 -16.58
N GLU A 292 10.03 25.47 -17.36
CA GLU A 292 8.63 25.18 -17.64
C GLU A 292 7.87 24.85 -16.34
N ILE A 293 8.56 24.19 -15.41
CA ILE A 293 7.99 23.81 -14.13
C ILE A 293 7.76 25.06 -13.33
N TYR A 294 8.79 25.88 -13.24
CA TYR A 294 8.68 27.16 -12.53
C TYR A 294 7.52 28.02 -13.02
N ASP A 295 7.38 28.10 -14.33
CA ASP A 295 6.34 28.92 -14.94
C ASP A 295 4.96 28.41 -14.57
N ALA A 296 4.75 27.13 -14.79
CA ALA A 296 3.48 26.48 -14.47
C ALA A 296 3.05 26.81 -13.04
N LEU A 297 3.87 26.44 -12.07
CA LEU A 297 3.59 26.74 -10.67
C LEU A 297 3.20 28.19 -10.39
N LYS A 298 4.02 29.14 -10.85
CA LYS A 298 3.77 30.56 -10.59
C LYS A 298 2.48 31.08 -11.29
N GLN A 299 2.04 30.35 -12.32
CA GLN A 299 0.81 30.70 -13.04
C GLN A 299 -0.43 30.12 -12.39
N GLY A 300 -0.21 29.30 -11.37
CA GLY A 300 -1.31 28.76 -10.58
C GLY A 300 -1.63 27.30 -10.84
N GLU A 301 -0.95 26.66 -11.81
CA GLU A 301 -1.22 25.26 -12.12
C GLU A 301 -0.99 24.33 -10.92
N VAL A 302 -1.68 23.21 -10.89
CA VAL A 302 -1.60 22.31 -9.74
C VAL A 302 -0.76 21.09 -10.07
N LEU A 303 0.28 20.85 -9.28
CA LEU A 303 1.11 19.67 -9.49
C LEU A 303 0.52 18.52 -8.69
N VAL A 304 0.20 17.42 -9.37
CA VAL A 304 -0.51 16.31 -8.73
C VAL A 304 0.30 15.04 -8.63
N ARG A 305 0.34 14.43 -7.45
CA ARG A 305 1.07 13.17 -7.29
C ARG A 305 0.33 12.05 -7.98
N LEU A 306 1.08 11.17 -8.64
CA LEU A 306 0.51 10.03 -9.33
C LEU A 306 -0.09 9.10 -8.30
N GLY A 307 -1.27 8.56 -8.60
CA GLY A 307 -1.97 7.70 -7.69
C GLY A 307 -1.26 6.41 -7.32
N GLY A 308 -1.04 6.23 -6.02
CA GLY A 308 -0.50 4.99 -5.51
C GLY A 308 0.96 5.16 -5.19
N LEU A 309 1.52 6.28 -5.62
CA LEU A 309 2.94 6.55 -5.47
C LEU A 309 3.25 6.91 -4.04
N ARG A 310 4.06 6.08 -3.41
CA ARG A 310 4.42 6.25 -2.01
C ARG A 310 5.57 7.23 -1.87
N VAL A 311 5.45 8.14 -0.91
CA VAL A 311 6.48 9.13 -0.63
C VAL A 311 6.65 9.24 0.88
N LEU A 312 7.81 8.83 1.38
CA LEU A 312 7.99 8.71 2.83
C LEU A 312 9.26 9.39 3.35
N ARG A 313 9.20 9.96 4.54
CA ARG A 313 10.38 10.58 5.13
CA ARG A 313 10.38 10.59 5.14
C ARG A 313 10.97 9.75 6.27
N ILE A 314 12.27 9.51 6.19
CA ILE A 314 13.00 8.85 7.25
C ILE A 314 14.13 9.78 7.68
N GLY A 315 13.92 10.50 8.77
CA GLY A 315 14.90 11.44 9.23
C GLY A 315 14.95 12.66 8.34
N ASP A 316 16.08 12.85 7.66
CA ASP A 316 16.29 14.04 6.84
C ASP A 316 16.02 13.76 5.37
N ASP A 317 16.12 12.50 4.99
CA ASP A 317 15.88 12.10 3.62
C ASP A 317 14.40 11.79 3.34
N VAL A 318 14.02 11.92 2.07
CA VAL A 318 12.67 11.64 1.63
C VAL A 318 12.78 10.69 0.46
N TYR A 319 11.89 9.70 0.39
CA TYR A 319 12.01 8.69 -0.66
C TYR A 319 10.73 8.60 -1.49
N ALA A 320 10.89 8.54 -2.81
CA ALA A 320 9.74 8.40 -3.70
C ALA A 320 9.93 7.25 -4.67
N ASN A 321 9.05 6.27 -4.56
CA ASN A 321 9.08 5.09 -5.42
C ASN A 321 10.48 4.53 -5.64
N GLY A 322 11.25 4.39 -4.57
CA GLY A 322 12.60 3.89 -4.68
C GLY A 322 13.70 4.94 -4.70
N GLU A 323 13.48 6.07 -5.37
CA GLU A 323 14.50 7.12 -5.43
C GLU A 323 14.69 7.89 -4.10
N LYS A 324 15.94 8.06 -3.69
CA LYS A 324 16.23 8.97 -2.58
C LYS A 324 16.24 10.40 -3.10
N ILE A 325 15.68 11.31 -2.33
CA ILE A 325 15.62 12.71 -2.70
C ILE A 325 16.25 13.53 -1.59
N ASP A 326 17.30 14.27 -1.92
CA ASP A 326 17.94 15.08 -0.91
C ASP A 326 17.82 16.53 -1.34
N SER A 327 17.49 17.39 -0.38
CA SER A 327 17.48 18.83 -0.63
C SER A 327 17.55 19.59 0.68
N PRO A 328 18.33 20.68 0.69
CA PRO A 328 18.47 21.56 1.86
C PRO A 328 17.20 22.33 2.20
N HIS A 329 16.17 22.30 1.35
CA HIS A 329 14.93 23.00 1.68
C HIS A 329 13.92 22.08 2.36
N ARG A 330 14.18 21.80 3.63
CA ARG A 330 13.33 20.92 4.46
C ARG A 330 11.82 21.16 4.39
N PRO A 331 11.35 22.42 4.39
CA PRO A 331 9.89 22.54 4.40
C PRO A 331 9.25 22.28 3.03
N ALA A 332 9.96 22.63 1.97
CA ALA A 332 9.49 22.41 0.62
C ALA A 332 9.41 20.91 0.40
N LEU A 333 10.49 20.23 0.75
CA LEU A 333 10.55 18.78 0.68
C LEU A 333 9.43 18.10 1.48
N ASP A 334 9.13 18.64 2.65
CA ASP A 334 8.01 18.15 3.42
C ASP A 334 6.72 18.21 2.61
N ALA A 335 6.53 19.31 1.88
CA ALA A 335 5.30 19.48 1.11
C ALA A 335 5.07 18.34 0.13
N LEU A 336 6.15 17.92 -0.52
CA LEU A 336 6.08 16.76 -1.42
C LEU A 336 5.50 15.51 -0.78
N ALA A 337 5.82 15.26 0.48
CA ALA A 337 5.34 14.05 1.14
C ALA A 337 3.94 14.13 1.73
N SER A 338 3.50 15.33 2.12
CA SER A 338 2.20 15.49 2.76
C SER A 338 1.03 15.87 1.86
N ASN A 339 1.28 16.60 0.78
CA ASN A 339 0.18 16.99 -0.12
C ASN A 339 0.07 16.15 -1.39
N ILE A 340 -1.11 15.63 -1.65
CA ILE A 340 -1.31 14.95 -2.93
C ILE A 340 -1.40 15.97 -4.06
N ALA A 341 -1.85 17.18 -3.75
CA ALA A 341 -1.89 18.25 -4.74
C ALA A 341 -1.18 19.50 -4.27
N LEU A 342 -0.17 19.89 -5.02
CA LEU A 342 0.76 20.94 -4.64
C LEU A 342 0.54 22.17 -5.50
N THR A 343 0.74 23.33 -4.87
CA THR A 343 0.69 24.61 -5.53
C THR A 343 1.97 25.37 -5.20
N ALA A 344 2.23 26.47 -5.90
CA ALA A 344 3.44 27.24 -5.64
C ALA A 344 3.66 27.60 -4.15
N GLU A 345 2.60 27.96 -3.45
CA GLU A 345 2.69 28.36 -2.04
C GLU A 345 3.32 27.28 -1.19
N ASN A 346 3.10 26.04 -1.59
CA ASN A 346 3.56 24.91 -0.81
C ASN A 346 5.07 24.83 -0.76
N PHE A 347 5.70 25.47 -1.74
CA PHE A 347 7.12 25.37 -1.96
C PHE A 347 7.91 26.55 -1.39
N GLY A 348 7.23 27.67 -1.24
CA GLY A 348 7.88 28.88 -0.77
C GLY A 348 9.00 29.29 -1.70
N ASP A 349 10.09 29.78 -1.13
CA ASP A 349 11.17 30.34 -1.92
C ASP A 349 12.13 29.28 -2.44
N ALA A 350 11.78 28.00 -2.26
CA ALA A 350 12.56 26.91 -2.80
C ALA A 350 12.50 26.91 -4.33
N LEU A 351 11.48 27.54 -4.89
CA LEU A 351 11.34 27.58 -6.34
C LEU A 351 12.40 28.48 -6.98
N GLU A 352 13.10 29.25 -6.15
CA GLU A 352 14.12 30.18 -6.62
C GLU A 352 15.51 29.53 -6.76
N ASP A 353 15.66 28.39 -6.11
CA ASP A 353 16.84 27.56 -6.25
C ASP A 353 16.72 26.71 -7.51
N PRO A 354 17.63 26.91 -8.48
CA PRO A 354 17.53 26.12 -9.72
C PRO A 354 17.89 24.67 -9.47
N SER A 355 18.64 24.39 -8.42
CA SER A 355 18.93 23.01 -8.06
C SER A 355 17.62 22.30 -7.72
N PHE A 356 16.76 22.98 -6.98
CA PHE A 356 15.50 22.40 -6.57
C PHE A 356 14.52 22.26 -7.74
N LEU A 357 14.42 23.28 -8.62
CA LEU A 357 13.58 23.17 -9.82
C LEU A 357 13.99 21.96 -10.62
N ALA A 358 15.30 21.81 -10.77
CA ALA A 358 15.88 20.70 -11.52
C ALA A 358 15.41 19.37 -10.94
N MSE A 359 15.49 19.25 -9.63
CA MSE A 359 15.08 18.04 -8.92
C MSE A 359 13.60 17.73 -9.19
O MSE A 359 13.24 16.59 -9.45
CB MSE A 359 15.37 18.19 -7.43
CG MSE A 359 15.10 16.93 -6.62
SE MSE A 359 13.94 17.30 -5.07
CE MSE A 359 12.43 18.16 -5.94
N LEU A 360 12.77 18.77 -9.11
CA LEU A 360 11.34 18.68 -9.41
C LEU A 360 11.12 18.19 -10.83
N ALA A 361 11.81 18.85 -11.76
CA ALA A 361 11.66 18.52 -13.17
C ALA A 361 11.99 17.05 -13.42
N ALA A 362 12.95 16.50 -12.67
CA ALA A 362 13.33 15.10 -12.85
C ALA A 362 12.16 14.23 -12.43
N LEU A 363 11.61 14.53 -11.26
CA LEU A 363 10.50 13.77 -10.72
C LEU A 363 9.31 13.80 -11.66
N VAL A 364 9.01 14.97 -12.21
CA VAL A 364 7.95 15.07 -13.21
C VAL A 364 8.23 14.26 -14.48
N ASN A 365 9.46 14.34 -14.98
CA ASN A 365 9.79 13.61 -16.21
C ASN A 365 9.79 12.10 -16.00
N SER A 366 10.02 11.67 -14.76
CA SER A 366 9.92 10.24 -14.41
C SER A 366 8.46 9.79 -14.42
N GLY A 367 7.55 10.77 -14.31
CA GLY A 367 6.12 10.54 -14.37
C GLY A 367 5.44 10.51 -13.01
N TYR A 368 6.20 10.86 -11.98
CA TYR A 368 5.77 10.70 -10.60
C TYR A 368 4.79 11.78 -10.15
N TRP A 369 4.97 13.00 -10.63
CA TRP A 369 3.94 14.04 -10.53
C TRP A 369 3.63 14.52 -11.93
N PHE A 370 2.44 15.12 -12.09
CA PHE A 370 2.03 15.67 -13.36
C PHE A 370 1.14 16.87 -13.16
N PHE A 371 1.01 17.70 -14.19
CA PHE A 371 0.19 18.90 -14.10
C PHE A 371 -1.25 18.67 -14.52
N GLU A 372 -2.16 19.39 -13.88
CA GLU A 372 -3.62 19.20 -13.96
C GLU A 372 -4.11 17.75 -14.10
FE FE B . -9.88 -10.80 3.19
C1 GOL C . -6.18 24.11 -16.76
O1 GOL C . -6.71 23.32 -15.71
C2 GOL C . -5.29 23.26 -17.68
O2 GOL C . -5.91 23.08 -18.94
C3 GOL C . -3.92 23.92 -17.82
O3 GOL C . -3.73 24.81 -16.74
#